data_5N8E
#
_entry.id   5N8E
#
_cell.length_a   46.810
_cell.length_b   84.733
_cell.length_c   58.497
_cell.angle_alpha   90.00
_cell.angle_beta   99.40
_cell.angle_gamma   90.00
#
_symmetry.space_group_name_H-M   'P 1 21 1'
#
loop_
_entity.id
_entity.type
_entity.pdbx_description
1 polymer Streptavidin
2 polymer ARG-ASP-PRO-ALA-PRO-ALA-TRP-ALA-HIS-GLY-GLY-GLY-NH2
3 non-polymer 'SODIUM ION'
4 water water
#
loop_
_entity_poly.entity_id
_entity_poly.type
_entity_poly.pdbx_seq_one_letter_code
_entity_poly.pdbx_strand_id
1 'polypeptide(L)'
;MRKIVVAAIAVSLTTVSITASASADPSKDSKAQVSAAEAGITGTWYNQLGSTFIVTAGADGALTGTYESAVGNAESRYVL
TGRYDSAPATDGSGTALGWTVAWKNNYRNAHSATTWSGQYVGGAEARINTQWLLTSGTTEANAWKSTLVGHDTFTKVKPS
AASIDAAKKAGVNNGNPLDAVQQ
;
A,B,C,D
2 'polypeptide(L)' RDPAPAWAHGGG(NH2) E,F,H
#
# COMPACT_ATOMS: atom_id res chain seq x y z
N GLY A 40 10.60 -24.17 9.54
CA GLY A 40 9.35 -24.42 8.77
C GLY A 40 9.20 -23.71 7.43
N ILE A 41 10.03 -22.70 7.18
CA ILE A 41 9.95 -21.93 5.94
C ILE A 41 10.63 -22.63 4.77
N THR A 42 11.80 -23.23 5.02
CA THR A 42 12.53 -23.86 3.94
C THR A 42 11.67 -24.90 3.23
N GLY A 43 11.68 -24.82 1.91
CA GLY A 43 10.95 -25.77 1.08
C GLY A 43 10.20 -25.06 -0.02
N THR A 44 9.18 -25.76 -0.53
CA THR A 44 8.40 -25.30 -1.66
C THR A 44 7.03 -24.86 -1.22
N TRP A 45 6.58 -23.74 -1.78
CA TRP A 45 5.30 -23.15 -1.48
C TRP A 45 4.59 -22.85 -2.79
N TYR A 46 3.25 -22.86 -2.72
CA TYR A 46 2.41 -22.66 -3.91
CA TYR A 46 2.40 -22.67 -3.89
C TYR A 46 1.36 -21.60 -3.65
N ASN A 47 1.10 -20.74 -4.64
CA ASN A 47 -0.15 -19.94 -4.59
C ASN A 47 -1.32 -20.74 -5.23
N GLN A 48 -2.50 -20.11 -5.33
CA GLN A 48 -3.71 -20.78 -5.84
C GLN A 48 -3.62 -21.17 -7.31
N LEU A 49 -2.78 -20.46 -8.07
CA LEU A 49 -2.50 -20.78 -9.47
C LEU A 49 -1.45 -21.88 -9.60
N GLY A 50 -0.83 -22.26 -8.48
CA GLY A 50 0.22 -23.24 -8.48
C GLY A 50 1.58 -22.66 -8.78
N SER A 51 1.72 -21.34 -8.81
CA SER A 51 3.05 -20.76 -8.94
C SER A 51 3.90 -21.22 -7.75
N THR A 52 5.18 -21.51 -8.03
CA THR A 52 6.02 -22.35 -7.19
C THR A 52 7.22 -21.56 -6.69
N PHE A 53 7.23 -21.34 -5.39
CA PHE A 53 8.19 -20.57 -4.63
C PHE A 53 9.08 -21.59 -3.90
N ILE A 54 10.37 -21.58 -4.22
CA ILE A 54 11.32 -22.54 -3.70
C ILE A 54 12.33 -21.75 -2.88
N VAL A 55 12.37 -21.96 -1.56
CA VAL A 55 13.13 -21.07 -0.70
C VAL A 55 13.94 -21.85 0.32
N THR A 56 15.12 -21.34 0.65
CA THR A 56 15.88 -21.78 1.80
C THR A 56 15.94 -20.62 2.79
N ALA A 57 15.57 -20.93 4.03
CA ALA A 57 15.65 -19.99 5.14
C ALA A 57 16.91 -20.34 5.93
N GLY A 58 17.94 -19.52 5.79
CA GLY A 58 19.24 -19.81 6.40
C GLY A 58 19.25 -19.44 7.87
N ALA A 59 20.20 -20.02 8.60
CA ALA A 59 20.32 -19.75 10.03
C ALA A 59 20.75 -18.31 10.33
N ASP A 60 21.26 -17.61 9.31
CA ASP A 60 21.61 -16.20 9.40
C ASP A 60 20.48 -15.23 9.11
N GLY A 61 19.25 -15.72 8.93
CA GLY A 61 18.12 -14.85 8.62
C GLY A 61 17.88 -14.60 7.15
N ALA A 62 18.65 -15.23 6.28
CA ALA A 62 18.52 -15.04 4.85
C ALA A 62 17.43 -15.92 4.25
N LEU A 63 16.72 -15.37 3.28
CA LEU A 63 15.88 -16.16 2.36
C LEU A 63 16.55 -16.12 0.99
N THR A 64 16.69 -17.28 0.38
CA THR A 64 17.25 -17.39 -0.97
CA THR A 64 17.29 -17.41 -0.94
C THR A 64 16.50 -18.45 -1.73
N GLY A 65 16.25 -18.22 -3.01
CA GLY A 65 15.56 -19.25 -3.79
C GLY A 65 15.15 -18.74 -5.14
N THR A 66 14.07 -19.34 -5.64
CA THR A 66 13.55 -19.05 -6.95
C THR A 66 12.03 -19.04 -6.90
N TYR A 67 11.46 -18.31 -7.86
CA TYR A 67 10.01 -18.28 -8.04
C TYR A 67 9.74 -18.56 -9.51
N GLU A 68 8.77 -19.45 -9.79
CA GLU A 68 8.49 -19.89 -11.17
C GLU A 68 7.01 -20.22 -11.34
N SER A 69 6.58 -20.31 -12.60
CA SER A 69 5.19 -20.65 -12.88
C SER A 69 4.88 -22.13 -12.57
N ALA A 70 3.59 -22.46 -12.56
CA ALA A 70 3.16 -23.85 -12.37
C ALA A 70 3.75 -24.79 -13.42
N VAL A 71 4.00 -24.29 -14.63
CA VAL A 71 4.62 -25.09 -15.69
C VAL A 71 6.08 -25.35 -15.35
N GLY A 72 6.77 -24.34 -14.82
CA GLY A 72 8.13 -24.50 -14.31
C GLY A 72 9.23 -24.53 -15.36
N ASN A 73 8.93 -24.07 -16.57
CA ASN A 73 9.96 -23.90 -17.61
C ASN A 73 10.97 -22.82 -17.22
N ALA A 74 12.19 -22.94 -17.74
CA ALA A 74 13.31 -22.06 -17.36
C ALA A 74 13.03 -20.57 -17.61
N GLU A 75 12.28 -20.26 -18.67
CA GLU A 75 11.96 -18.88 -19.02
C GLU A 75 11.08 -18.21 -17.96
N SER A 76 10.40 -19.02 -17.14
CA SER A 76 9.53 -18.52 -16.08
C SER A 76 10.18 -18.44 -14.69
N ARG A 77 11.48 -18.74 -14.57
CA ARG A 77 12.12 -18.85 -13.26
C ARG A 77 12.95 -17.62 -12.96
N TYR A 78 12.77 -17.08 -11.75
CA TYR A 78 13.46 -15.85 -11.34
C TYR A 78 14.04 -16.03 -9.95
N VAL A 79 15.16 -15.36 -9.71
CA VAL A 79 15.84 -15.37 -8.40
C VAL A 79 15.07 -14.52 -7.40
N LEU A 80 15.04 -14.99 -6.16
CA LEU A 80 14.57 -14.13 -5.07
C LEU A 80 15.55 -14.14 -3.93
N THR A 81 15.54 -13.05 -3.19
CA THR A 81 16.27 -12.96 -1.94
CA THR A 81 16.27 -12.96 -1.96
C THR A 81 15.49 -12.12 -0.96
N GLY A 82 15.66 -12.41 0.32
CA GLY A 82 14.99 -11.67 1.35
C GLY A 82 15.51 -12.02 2.72
N ARG A 83 14.72 -11.67 3.74
CA ARG A 83 15.11 -11.84 5.13
C ARG A 83 13.90 -12.29 5.94
N TYR A 84 14.15 -12.97 7.05
CA TYR A 84 13.08 -13.38 7.95
C TYR A 84 13.59 -13.29 9.37
N ASP A 85 12.65 -13.20 10.31
N ASP A 85 12.65 -13.21 10.32
CA ASP A 85 12.97 -13.25 11.73
CA ASP A 85 12.98 -13.23 11.73
C ASP A 85 13.38 -14.66 12.12
C ASP A 85 13.37 -14.64 12.14
N SER A 86 14.66 -14.85 12.42
CA SER A 86 15.20 -16.16 12.74
C SER A 86 14.99 -16.56 14.20
N ALA A 87 14.43 -15.67 15.02
CA ALA A 87 14.07 -16.02 16.41
C ALA A 87 12.69 -15.46 16.72
N PRO A 88 11.65 -16.00 16.05
CA PRO A 88 10.31 -15.46 16.19
C PRO A 88 9.65 -15.85 17.51
N ALA A 89 8.46 -15.29 17.72
CA ALA A 89 7.62 -15.74 18.83
C ALA A 89 7.31 -17.22 18.68
N THR A 90 7.07 -17.84 19.82
CA THR A 90 6.81 -19.26 19.95
C THR A 90 5.35 -19.56 20.38
N ASP A 91 4.50 -18.53 20.33
CA ASP A 91 3.13 -18.55 20.89
C ASP A 91 2.00 -18.79 19.87
N GLY A 92 2.35 -19.12 18.63
CA GLY A 92 1.36 -19.25 17.55
C GLY A 92 1.36 -18.06 16.60
N SER A 93 2.01 -16.97 16.99
CA SER A 93 2.16 -15.83 16.10
C SER A 93 2.97 -16.18 14.89
N GLY A 94 2.74 -15.42 13.84
CA GLY A 94 3.53 -15.59 12.63
C GLY A 94 4.96 -15.10 12.77
N THR A 95 5.77 -15.55 11.82
CA THR A 95 7.16 -15.17 11.66
C THR A 95 7.23 -14.13 10.56
N ALA A 96 7.70 -12.93 10.89
CA ALA A 96 7.80 -11.85 9.90
C ALA A 96 8.88 -12.17 8.87
N LEU A 97 8.59 -11.81 7.62
CA LEU A 97 9.52 -12.04 6.53
CA LEU A 97 9.54 -12.03 6.53
C LEU A 97 9.22 -11.11 5.36
N GLY A 98 10.16 -11.04 4.44
CA GLY A 98 9.95 -10.35 3.20
C GLY A 98 10.95 -10.83 2.16
N TRP A 99 10.60 -10.66 0.88
CA TRP A 99 11.57 -10.97 -0.18
C TRP A 99 11.25 -10.14 -1.42
N THR A 100 12.22 -10.13 -2.32
CA THR A 100 12.15 -9.40 -3.58
C THR A 100 12.47 -10.31 -4.75
N VAL A 101 11.74 -10.11 -5.85
CA VAL A 101 12.11 -10.63 -7.17
C VAL A 101 12.22 -9.44 -8.11
N ALA A 102 13.38 -9.28 -8.76
CA ALA A 102 13.47 -8.41 -9.93
C ALA A 102 13.15 -9.26 -11.16
N TRP A 103 12.26 -8.75 -12.01
CA TRP A 103 11.70 -9.55 -13.11
C TRP A 103 12.59 -9.59 -14.35
N LYS A 104 13.86 -9.91 -14.10
CA LYS A 104 14.86 -10.17 -15.12
C LYS A 104 15.42 -11.56 -14.87
N ASN A 105 15.47 -12.37 -15.93
CA ASN A 105 16.24 -13.61 -15.90
C ASN A 105 17.03 -13.66 -17.21
N ASN A 106 17.60 -14.80 -17.57
CA ASN A 106 18.40 -14.88 -18.79
C ASN A 106 17.56 -14.84 -20.07
N TYR A 107 16.23 -14.89 -19.96
CA TYR A 107 15.34 -14.98 -21.11
C TYR A 107 14.47 -13.73 -21.31
N ARG A 108 14.11 -13.05 -20.21
CA ARG A 108 13.14 -11.95 -20.23
C ARG A 108 13.53 -10.86 -19.23
N ASN A 109 13.07 -9.65 -19.50
CA ASN A 109 13.23 -8.54 -18.55
C ASN A 109 12.07 -7.58 -18.68
N ALA A 110 11.25 -7.54 -17.63
CA ALA A 110 10.08 -6.67 -17.57
C ALA A 110 10.39 -5.28 -17.01
N HIS A 111 11.62 -5.04 -16.56
CA HIS A 111 12.00 -3.76 -15.95
C HIS A 111 11.11 -3.40 -14.77
N SER A 112 11.07 -4.32 -13.83
CA SER A 112 10.17 -4.19 -12.68
C SER A 112 10.64 -5.13 -11.58
N ALA A 113 10.13 -4.91 -10.38
CA ALA A 113 10.49 -5.74 -9.23
C ALA A 113 9.32 -5.77 -8.27
N THR A 114 9.09 -6.93 -7.67
CA THR A 114 8.04 -7.11 -6.66
C THR A 114 8.68 -7.42 -5.32
N THR A 115 8.16 -6.79 -4.28
CA THR A 115 8.48 -7.16 -2.92
C THR A 115 7.25 -7.72 -2.24
N TRP A 116 7.42 -8.80 -1.48
CA TRP A 116 6.37 -9.39 -0.66
C TRP A 116 6.75 -9.19 0.79
N SER A 117 5.81 -8.69 1.58
CA SER A 117 5.97 -8.49 3.01
C SER A 117 4.88 -9.28 3.71
N GLY A 118 5.22 -10.09 4.70
CA GLY A 118 4.20 -10.91 5.31
C GLY A 118 4.68 -11.72 6.48
N GLN A 119 3.94 -12.79 6.74
CA GLN A 119 4.32 -13.67 7.81
CA GLN A 119 4.14 -13.67 7.90
C GLN A 119 4.02 -15.12 7.50
N TYR A 120 4.91 -15.97 8.01
CA TYR A 120 4.78 -17.41 7.95
C TYR A 120 4.07 -17.89 9.21
N VAL A 121 3.09 -18.76 9.03
CA VAL A 121 2.40 -19.42 10.15
C VAL A 121 2.50 -20.92 9.90
N GLY A 122 3.03 -21.62 10.88
CA GLY A 122 3.29 -23.05 10.74
C GLY A 122 2.12 -23.89 11.15
N GLY A 123 2.40 -25.17 11.36
CA GLY A 123 1.40 -26.14 11.80
C GLY A 123 0.97 -27.00 10.64
N ALA A 124 -0.08 -27.78 10.88
CA ALA A 124 -0.58 -28.74 9.90
C ALA A 124 -1.03 -28.10 8.59
N GLU A 125 -1.53 -26.87 8.69
CA GLU A 125 -2.04 -26.07 7.56
C GLU A 125 -1.22 -24.79 7.44
N ALA A 126 0.06 -24.95 7.24
CA ALA A 126 0.97 -23.84 7.21
C ALA A 126 0.67 -22.90 6.04
N ARG A 127 0.97 -21.63 6.25
CA ARG A 127 0.79 -20.64 5.18
CA ARG A 127 0.68 -20.54 5.30
C ARG A 127 1.78 -19.52 5.29
N ILE A 128 2.02 -18.87 4.16
CA ILE A 128 2.72 -17.59 4.15
C ILE A 128 1.73 -16.58 3.57
N ASN A 129 1.34 -15.62 4.41
CA ASN A 129 0.36 -14.60 4.04
C ASN A 129 1.09 -13.30 3.75
N THR A 130 0.88 -12.73 2.56
CA THR A 130 1.66 -11.58 2.12
C THR A 130 0.82 -10.49 1.49
N GLN A 131 1.38 -9.29 1.54
CA GLN A 131 1.00 -8.19 0.67
C GLN A 131 2.23 -7.84 -0.17
N TRP A 132 2.01 -7.40 -1.40
CA TRP A 132 3.11 -7.13 -2.31
C TRP A 132 2.98 -5.76 -2.95
N LEU A 133 4.16 -5.23 -3.31
CA LEU A 133 4.30 -4.01 -4.09
C LEU A 133 5.12 -4.32 -5.33
N LEU A 134 4.60 -3.97 -6.50
CA LEU A 134 5.26 -4.21 -7.78
C LEU A 134 5.58 -2.86 -8.39
N THR A 135 6.87 -2.51 -8.44
CA THR A 135 7.29 -1.24 -9.01
C THR A 135 7.95 -1.47 -10.36
N SER A 136 7.47 -0.72 -11.35
CA SER A 136 8.07 -0.69 -12.68
CA SER A 136 8.09 -0.72 -12.67
C SER A 136 9.05 0.46 -12.79
N GLY A 137 10.13 0.26 -13.54
CA GLY A 137 10.98 1.39 -13.93
C GLY A 137 10.22 2.28 -14.89
N THR A 138 10.10 3.57 -14.57
CA THR A 138 9.30 4.50 -15.38
C THR A 138 10.06 5.79 -15.57
N THR A 139 9.59 6.60 -16.49
CA THR A 139 10.01 8.00 -16.54
C THR A 139 9.47 8.73 -15.30
N GLU A 140 10.04 9.89 -15.02
CA GLU A 140 9.58 10.71 -13.90
C GLU A 140 8.09 11.10 -14.06
N ALA A 141 7.68 11.40 -15.29
CA ALA A 141 6.30 11.78 -15.56
C ALA A 141 5.30 10.66 -15.30
N ASN A 142 5.75 9.41 -15.47
CA ASN A 142 4.91 8.22 -15.24
C ASN A 142 5.10 7.58 -13.87
N ALA A 143 5.91 8.17 -13.00
CA ALA A 143 6.23 7.55 -11.71
C ALA A 143 5.01 7.40 -10.83
N TRP A 144 4.04 8.30 -10.98
CA TRP A 144 2.81 8.20 -10.20
C TRP A 144 2.09 6.88 -10.36
N LYS A 145 2.24 6.23 -11.53
CA LYS A 145 1.57 4.96 -11.81
C LYS A 145 2.57 3.81 -11.88
N SER A 146 3.67 3.93 -11.14
CA SER A 146 4.72 2.93 -11.16
C SER A 146 4.51 1.76 -10.24
N THR A 147 3.64 1.87 -9.23
CA THR A 147 3.59 0.87 -8.17
C THR A 147 2.20 0.30 -7.95
N LEU A 148 2.07 -0.99 -8.25
CA LEU A 148 0.87 -1.77 -7.98
C LEU A 148 0.97 -2.40 -6.60
N VAL A 149 -0.19 -2.61 -5.97
CA VAL A 149 -0.28 -3.28 -4.68
C VAL A 149 -1.25 -4.45 -4.80
N GLY A 150 -0.93 -5.52 -4.08
CA GLY A 150 -1.82 -6.66 -4.05
C GLY A 150 -1.48 -7.58 -2.91
N HIS A 151 -1.92 -8.83 -3.02
CA HIS A 151 -1.71 -9.78 -1.95
C HIS A 151 -1.59 -11.18 -2.51
N ASP A 152 -1.03 -12.08 -1.72
CA ASP A 152 -1.03 -13.47 -2.09
C ASP A 152 -0.82 -14.33 -0.87
N THR A 153 -1.30 -15.58 -0.96
CA THR A 153 -1.20 -16.57 0.10
CA THR A 153 -1.15 -16.53 0.11
C THR A 153 -0.56 -17.80 -0.48
N PHE A 154 0.41 -18.34 0.23
CA PHE A 154 1.13 -19.54 -0.20
C PHE A 154 0.86 -20.66 0.79
N THR A 155 0.77 -21.89 0.26
CA THR A 155 0.53 -23.08 1.06
C THR A 155 1.54 -24.15 0.67
N LYS A 156 1.61 -25.23 1.47
CA LYS A 156 2.57 -26.29 1.19
CA LYS A 156 2.51 -26.35 1.24
C LYS A 156 2.07 -27.33 0.18
N VAL A 157 0.77 -27.31 -0.15
CA VAL A 157 0.22 -28.24 -1.16
C VAL A 157 -0.48 -27.43 -2.24
N LYS A 158 -0.52 -27.95 -3.46
CA LYS A 158 -1.17 -27.24 -4.59
C LYS A 158 -2.68 -27.00 -4.39
N ALA B 39 -27.18 -1.48 -10.47
CA ALA B 39 -25.72 -1.50 -10.14
C ALA B 39 -25.26 -2.73 -9.34
N GLY B 40 -26.16 -3.33 -8.55
CA GLY B 40 -25.84 -4.53 -7.76
C GLY B 40 -25.15 -4.30 -6.42
N ILE B 41 -24.82 -3.04 -6.12
CA ILE B 41 -24.01 -2.70 -4.96
C ILE B 41 -24.86 -2.52 -3.70
N THR B 42 -26.04 -1.90 -3.84
CA THR B 42 -26.89 -1.67 -2.68
C THR B 42 -27.17 -2.99 -1.99
N GLY B 43 -26.95 -3.02 -0.69
CA GLY B 43 -27.20 -4.21 0.09
C GLY B 43 -26.40 -4.25 1.34
N THR B 44 -26.49 -5.39 2.02
CA THR B 44 -25.74 -5.66 3.23
C THR B 44 -24.68 -6.70 2.90
N TRP B 45 -23.42 -6.32 3.14
CA TRP B 45 -22.25 -7.13 2.82
C TRP B 45 -21.46 -7.39 4.09
N TYR B 46 -20.67 -8.46 4.05
CA TYR B 46 -19.82 -8.83 5.17
CA TYR B 46 -19.82 -8.82 5.18
C TYR B 46 -18.43 -9.09 4.65
N ASN B 47 -17.40 -8.64 5.38
CA ASN B 47 -16.05 -9.01 5.01
C ASN B 47 -15.63 -10.30 5.69
N GLN B 48 -14.41 -10.72 5.38
CA GLN B 48 -13.88 -11.98 5.86
C GLN B 48 -13.69 -12.04 7.39
N LEU B 49 -13.72 -10.88 8.06
CA LEU B 49 -13.63 -10.76 9.50
C LEU B 49 -14.99 -10.68 10.19
N GLY B 50 -16.05 -10.61 9.39
CA GLY B 50 -17.41 -10.49 9.92
C GLY B 50 -17.88 -9.08 10.16
N SER B 51 -17.19 -8.08 9.64
CA SER B 51 -17.68 -6.71 9.67
C SER B 51 -18.88 -6.57 8.74
N THR B 52 -19.78 -5.62 9.06
CA THR B 52 -21.03 -5.43 8.34
C THR B 52 -21.05 -4.08 7.63
N PHE B 53 -21.21 -4.12 6.31
CA PHE B 53 -21.17 -2.96 5.42
C PHE B 53 -22.56 -2.83 4.79
N ILE B 54 -23.33 -1.84 5.25
CA ILE B 54 -24.71 -1.62 4.78
C ILE B 54 -24.66 -0.38 3.91
N VAL B 55 -24.80 -0.60 2.60
CA VAL B 55 -24.51 0.44 1.62
C VAL B 55 -25.67 0.63 0.65
N THR B 56 -25.83 1.88 0.20
CA THR B 56 -26.75 2.23 -0.86
C THR B 56 -25.99 2.96 -1.94
N ALA B 57 -26.18 2.52 -3.18
CA ALA B 57 -25.62 3.15 -4.36
C ALA B 57 -26.68 4.08 -4.97
N GLY B 58 -26.35 5.37 -5.12
CA GLY B 58 -27.24 6.35 -5.76
C GLY B 58 -27.01 6.45 -7.26
N ALA B 59 -28.03 6.89 -7.98
CA ALA B 59 -27.95 7.01 -9.46
C ALA B 59 -26.82 7.93 -9.95
N ASP B 60 -26.44 8.88 -9.10
CA ASP B 60 -25.42 9.88 -9.39
C ASP B 60 -23.98 9.47 -9.04
N GLY B 61 -23.78 8.22 -8.59
CA GLY B 61 -22.46 7.77 -8.16
C GLY B 61 -22.20 7.80 -6.67
N ALA B 62 -23.18 8.18 -5.84
CA ALA B 62 -22.99 8.28 -4.41
C ALA B 62 -23.05 6.91 -3.73
N LEU B 63 -22.18 6.70 -2.76
CA LEU B 63 -22.33 5.62 -1.78
C LEU B 63 -22.61 6.22 -0.41
N THR B 64 -23.61 5.68 0.28
CA THR B 64 -23.96 6.07 1.64
C THR B 64 -24.28 4.81 2.44
N GLY B 65 -24.26 4.92 3.77
CA GLY B 65 -24.65 3.82 4.64
C GLY B 65 -23.90 3.80 5.94
N THR B 66 -23.80 2.59 6.51
CA THR B 66 -23.16 2.40 7.80
C THR B 66 -22.20 1.23 7.74
N TYR B 67 -21.20 1.30 8.61
CA TYR B 67 -20.21 0.25 8.74
C TYR B 67 -20.07 -0.11 10.20
N GLU B 68 -20.02 -1.42 10.47
CA GLU B 68 -19.81 -1.92 11.81
C GLU B 68 -18.61 -2.87 11.71
N SER B 69 -17.54 -2.55 12.43
CA SER B 69 -16.33 -3.34 12.34
C SER B 69 -16.31 -4.42 13.40
N ALA B 70 -15.92 -5.63 12.98
CA ALA B 70 -15.69 -6.73 13.89
C ALA B 70 -14.36 -6.62 14.62
N VAL B 71 -13.48 -5.73 14.15
CA VAL B 71 -12.12 -5.59 14.68
C VAL B 71 -11.77 -4.13 14.95
N GLY B 72 -10.79 -3.96 15.84
CA GLY B 72 -10.21 -2.66 16.10
C GLY B 72 -10.94 -1.85 17.17
N ASN B 73 -10.58 -0.59 17.25
CA ASN B 73 -11.08 0.31 18.28
C ASN B 73 -12.39 0.90 17.76
N ALA B 74 -13.44 0.08 17.84
CA ALA B 74 -14.70 0.34 17.19
C ALA B 74 -15.82 -0.38 17.93
N GLU B 75 -16.98 0.26 18.02
CA GLU B 75 -18.19 -0.40 18.52
C GLU B 75 -19.40 0.23 17.83
N SER B 76 -20.39 -0.60 17.53
CA SER B 76 -21.64 -0.16 16.89
C SER B 76 -21.37 0.39 15.48
N ARG B 77 -22.30 1.19 14.96
CA ARG B 77 -22.26 1.63 13.58
C ARG B 77 -21.58 2.98 13.43
N TYR B 78 -20.95 3.14 12.28
CA TYR B 78 -20.31 4.39 11.87
C TYR B 78 -20.83 4.80 10.52
N VAL B 79 -20.93 6.10 10.28
CA VAL B 79 -21.32 6.61 8.97
C VAL B 79 -20.22 6.35 7.92
N LEU B 80 -20.63 6.00 6.71
CA LEU B 80 -19.71 5.96 5.58
C LEU B 80 -20.26 6.77 4.42
N THR B 81 -19.35 7.31 3.62
CA THR B 81 -19.71 7.87 2.32
CA THR B 81 -19.67 7.96 2.35
CA THR B 81 -19.70 7.86 2.32
C THR B 81 -18.60 7.56 1.33
N GLY B 82 -18.98 7.52 0.06
CA GLY B 82 -18.04 7.23 -1.01
C GLY B 82 -18.64 7.44 -2.38
N ARG B 83 -17.98 6.87 -3.38
CA ARG B 83 -18.34 7.05 -4.77
C ARG B 83 -18.16 5.73 -5.50
N TYR B 84 -18.93 5.55 -6.57
CA TYR B 84 -18.74 4.40 -7.47
C TYR B 84 -18.99 4.85 -8.90
N ASP B 85 -18.48 4.04 -9.83
N ASP B 85 -18.48 4.06 -9.84
CA ASP B 85 -18.68 4.25 -11.27
CA ASP B 85 -18.68 4.29 -11.26
C ASP B 85 -20.11 3.85 -11.61
C ASP B 85 -20.10 3.86 -11.63
N SER B 86 -20.96 4.84 -11.89
CA SER B 86 -22.37 4.57 -12.19
C SER B 86 -22.61 4.18 -13.65
N ALA B 87 -21.59 4.16 -14.48
CA ALA B 87 -21.72 3.65 -15.85
C ALA B 87 -20.51 2.80 -16.19
N PRO B 88 -20.42 1.60 -15.59
CA PRO B 88 -19.23 0.77 -15.81
C PRO B 88 -19.09 0.29 -17.25
N ALA B 89 -17.88 -0.17 -17.58
CA ALA B 89 -17.57 -0.66 -18.91
C ALA B 89 -18.47 -1.86 -19.22
N THR B 90 -18.67 -2.10 -20.51
CA THR B 90 -19.52 -3.18 -20.98
C THR B 90 -18.69 -4.34 -21.51
N ASP B 91 -17.47 -4.52 -21.03
CA ASP B 91 -16.55 -5.52 -21.56
C ASP B 91 -16.28 -6.62 -20.51
N GLY B 92 -17.11 -6.69 -19.46
CA GLY B 92 -16.95 -7.68 -18.39
C GLY B 92 -16.19 -7.21 -17.15
N SER B 93 -15.69 -5.97 -17.20
CA SER B 93 -14.95 -5.40 -16.08
C SER B 93 -15.84 -5.18 -14.84
N GLY B 94 -15.21 -5.22 -13.65
CA GLY B 94 -15.87 -4.83 -12.42
C GLY B 94 -16.19 -3.34 -12.37
N THR B 95 -16.92 -2.97 -11.32
CA THR B 95 -17.33 -1.59 -11.09
C THR B 95 -16.45 -0.99 -10.00
N ALA B 96 -15.68 0.03 -10.37
CA ALA B 96 -14.79 0.67 -9.43
C ALA B 96 -15.57 1.47 -8.39
N LEU B 97 -15.06 1.48 -7.17
CA LEU B 97 -15.70 2.18 -6.07
C LEU B 97 -14.72 2.45 -4.95
N GLY B 98 -15.14 3.32 -4.04
CA GLY B 98 -14.39 3.50 -2.80
C GLY B 98 -15.26 4.16 -1.76
N TRP B 99 -14.91 3.98 -0.49
CA TRP B 99 -15.62 4.69 0.57
C TRP B 99 -14.72 4.90 1.77
N THR B 100 -15.17 5.80 2.65
CA THR B 100 -14.47 6.18 3.86
C THR B 100 -15.36 6.03 5.08
N VAL B 101 -14.76 5.56 6.19
CA VAL B 101 -15.32 5.65 7.53
C VAL B 101 -14.34 6.41 8.41
N ALA B 102 -14.80 7.49 9.06
CA ALA B 102 -14.09 8.07 10.20
C ALA B 102 -14.62 7.40 11.47
N TRP B 103 -13.71 6.92 12.29
CA TRP B 103 -14.05 6.03 13.42
C TRP B 103 -14.48 6.80 14.68
N LYS B 104 -15.41 7.73 14.47
CA LYS B 104 -16.04 8.48 15.55
CA LYS B 104 -16.04 8.48 15.55
C LYS B 104 -17.53 8.22 15.50
N ASN B 105 -18.08 7.87 16.65
CA ASN B 105 -19.52 7.88 16.85
C ASN B 105 -19.76 8.33 18.31
N ASN B 106 -20.96 8.18 18.82
CA ASN B 106 -21.25 8.68 20.17
C ASN B 106 -20.71 7.80 21.30
N TYR B 107 -20.18 6.63 20.95
CA TYR B 107 -19.63 5.69 21.93
C TYR B 107 -18.14 5.76 22.07
N ARG B 108 -17.45 6.04 20.97
CA ARG B 108 -16.01 6.15 21.02
CA ARG B 108 -16.01 5.89 20.86
C ARG B 108 -15.48 6.82 19.78
N ASN B 109 -14.25 7.30 19.93
CA ASN B 109 -13.55 7.99 18.88
C ASN B 109 -12.13 7.46 18.88
N ALA B 110 -11.80 6.73 17.82
CA ALA B 110 -10.47 6.15 17.64
C ALA B 110 -9.51 7.13 16.96
N HIS B 111 -9.98 8.32 16.60
CA HIS B 111 -9.14 9.33 15.93
C HIS B 111 -8.42 8.72 14.73
N SER B 112 -9.22 8.16 13.85
CA SER B 112 -8.73 7.37 12.72
CA SER B 112 -8.69 7.47 12.69
C SER B 112 -9.77 7.36 11.61
N ALA B 113 -9.34 7.00 10.42
CA ALA B 113 -10.25 6.84 9.28
C ALA B 113 -9.72 5.75 8.38
N THR B 114 -10.64 4.93 7.85
CA THR B 114 -10.28 3.90 6.86
C THR B 114 -10.92 4.24 5.53
N THR B 115 -10.15 4.09 4.46
CA THR B 115 -10.70 4.13 3.11
C THR B 115 -10.52 2.76 2.47
N TRP B 116 -11.57 2.30 1.81
CA TRP B 116 -11.53 1.07 1.00
C TRP B 116 -11.63 1.49 -0.46
N SER B 117 -10.74 0.95 -1.29
CA SER B 117 -10.71 1.19 -2.73
C SER B 117 -10.82 -0.17 -3.41
N GLY B 118 -11.77 -0.34 -4.33
CA GLY B 118 -11.93 -1.66 -4.90
C GLY B 118 -12.86 -1.71 -6.07
N GLN B 119 -13.37 -2.91 -6.32
CA GLN B 119 -14.33 -3.09 -7.39
C GLN B 119 -15.35 -4.15 -7.03
N TYR B 120 -16.58 -3.89 -7.45
CA TYR B 120 -17.68 -4.83 -7.38
C TYR B 120 -17.64 -5.74 -8.59
N VAL B 121 -17.79 -7.03 -8.34
CA VAL B 121 -17.84 -8.05 -9.37
C VAL B 121 -19.14 -8.81 -9.21
N GLY B 122 -20.03 -8.66 -10.19
CA GLY B 122 -21.31 -9.36 -10.18
C GLY B 122 -21.18 -10.80 -10.66
N GLY B 123 -22.32 -11.42 -10.91
CA GLY B 123 -22.39 -12.81 -11.35
C GLY B 123 -22.77 -13.76 -10.22
N ALA B 124 -22.45 -15.03 -10.42
CA ALA B 124 -22.92 -16.13 -9.55
C ALA B 124 -22.70 -15.86 -8.06
N GLU B 125 -21.48 -15.46 -7.71
CA GLU B 125 -21.11 -15.16 -6.33
C GLU B 125 -20.61 -13.72 -6.28
N ALA B 126 -21.53 -12.77 -6.06
CA ALA B 126 -21.18 -11.35 -6.07
C ALA B 126 -20.18 -11.03 -4.97
N ARG B 127 -19.27 -10.12 -5.27
CA ARG B 127 -18.14 -9.84 -4.39
C ARG B 127 -17.70 -8.41 -4.56
N ILE B 128 -17.24 -7.78 -3.49
CA ILE B 128 -16.53 -6.52 -3.59
C ILE B 128 -15.13 -6.77 -3.05
N ASN B 129 -14.14 -6.66 -3.93
CA ASN B 129 -12.74 -6.86 -3.58
C ASN B 129 -12.09 -5.52 -3.36
N THR B 130 -11.42 -5.35 -2.21
CA THR B 130 -10.87 -4.07 -1.83
C THR B 130 -9.48 -4.17 -1.24
N GLN B 131 -8.79 -3.03 -1.31
N GLN B 131 -8.75 -3.05 -1.35
CA GLN B 131 -7.63 -2.75 -0.51
CA GLN B 131 -7.59 -2.71 -0.51
C GLN B 131 -8.05 -1.58 0.38
C GLN B 131 -8.00 -1.54 0.36
N TRP B 132 -7.46 -1.47 1.57
CA TRP B 132 -7.81 -0.41 2.49
C TRP B 132 -6.59 0.20 3.14
N LEU B 133 -6.77 1.46 3.54
CA LEU B 133 -5.77 2.25 4.26
C LEU B 133 -6.44 2.82 5.51
N LEU B 134 -5.92 2.48 6.68
CA LEU B 134 -6.42 2.96 7.96
C LEU B 134 -5.40 3.94 8.52
N THR B 135 -5.72 5.23 8.47
CA THR B 135 -4.82 6.25 8.99
C THR B 135 -5.31 6.77 10.32
N SER B 136 -4.42 6.78 11.30
CA SER B 136 -4.68 7.38 12.61
CA SER B 136 -4.68 7.37 12.60
C SER B 136 -4.10 8.78 12.67
N GLY B 137 -4.77 9.67 13.38
CA GLY B 137 -4.19 10.97 13.70
C GLY B 137 -3.01 10.76 14.64
N THR B 138 -1.85 11.32 14.28
CA THR B 138 -0.63 11.13 15.05
C THR B 138 0.11 12.45 15.19
N THR B 139 1.11 12.46 16.05
CA THR B 139 2.12 13.53 16.02
C THR B 139 2.96 13.39 14.74
N GLU B 140 3.73 14.42 14.39
CA GLU B 140 4.62 14.33 13.23
C GLU B 140 5.67 13.23 13.42
N ALA B 141 6.18 13.11 14.64
CA ALA B 141 7.18 12.07 14.96
C ALA B 141 6.66 10.64 14.79
N ASN B 142 5.35 10.44 14.99
CA ASN B 142 4.75 9.11 14.84
C ASN B 142 4.04 8.93 13.50
N ALA B 143 4.11 9.93 12.61
CA ALA B 143 3.37 9.86 11.34
C ALA B 143 3.81 8.69 10.48
N TRP B 144 5.08 8.30 10.58
CA TRP B 144 5.58 7.18 9.82
C TRP B 144 4.80 5.90 10.07
N LYS B 145 4.23 5.74 11.27
CA LYS B 145 3.47 4.53 11.64
C LYS B 145 1.97 4.82 11.73
N SER B 146 1.51 5.83 10.99
CA SER B 146 0.11 6.23 11.03
C SER B 146 -0.83 5.37 10.21
N THR B 147 -0.32 4.59 9.24
CA THR B 147 -1.19 4.02 8.22
C THR B 147 -1.01 2.53 8.07
N LEU B 148 -2.06 1.79 8.45
CA LEU B 148 -2.15 0.37 8.20
C LEU B 148 -2.75 0.10 6.83
N VAL B 149 -2.34 -1.01 6.21
CA VAL B 149 -2.85 -1.42 4.90
C VAL B 149 -3.29 -2.87 4.95
N GLY B 150 -4.36 -3.17 4.22
CA GLY B 150 -4.81 -4.53 4.10
C GLY B 150 -5.74 -4.71 2.93
N HIS B 151 -6.33 -5.90 2.86
CA HIS B 151 -7.27 -6.23 1.80
C HIS B 151 -8.48 -6.93 2.41
N ASP B 152 -9.67 -6.47 2.02
CA ASP B 152 -10.92 -7.06 2.48
C ASP B 152 -11.74 -7.50 1.28
N THR B 153 -12.37 -8.67 1.39
N THR B 153 -12.34 -8.68 1.41
CA THR B 153 -13.31 -9.10 0.38
CA THR B 153 -13.32 -9.19 0.45
C THR B 153 -14.68 -9.23 1.04
C THR B 153 -14.68 -9.18 1.10
N PHE B 154 -15.67 -8.60 0.41
CA PHE B 154 -17.04 -8.55 0.91
C PHE B 154 -17.94 -9.42 0.07
N THR B 155 -18.81 -10.19 0.73
CA THR B 155 -19.83 -10.98 0.07
C THR B 155 -21.15 -10.82 0.82
N LYS B 156 -22.22 -11.39 0.29
CA LYS B 156 -23.53 -11.33 0.95
C LYS B 156 -23.66 -12.31 2.11
N VAL B 157 -22.74 -13.26 2.20
CA VAL B 157 -22.72 -14.25 3.28
C VAL B 157 -21.81 -13.76 4.37
N LYS B 158 -22.20 -13.99 5.62
CA LYS B 158 -21.31 -13.69 6.71
CA LYS B 158 -21.36 -13.72 6.77
C LYS B 158 -20.49 -14.96 6.96
N PRO B 159 -19.17 -14.91 6.66
CA PRO B 159 -18.35 -16.11 6.80
C PRO B 159 -18.06 -16.42 8.26
N SER B 160 -17.69 -17.66 8.56
CA SER B 160 -17.14 -18.01 9.87
C SER B 160 -15.74 -17.41 10.03
N ALA C 39 -12.55 23.05 12.23
CA ALA C 39 -11.64 21.95 11.79
C ALA C 39 -10.43 22.40 10.96
N GLY C 40 -10.54 23.54 10.26
CA GLY C 40 -9.43 24.08 9.44
C GLY C 40 -9.32 23.48 8.04
N ILE C 41 -10.27 22.61 7.70
CA ILE C 41 -10.22 21.83 6.47
C ILE C 41 -10.99 22.48 5.32
N THR C 42 -12.14 23.10 5.63
CA THR C 42 -12.93 23.73 4.59
C THR C 42 -12.10 24.71 3.78
N GLY C 43 -12.22 24.62 2.45
CA GLY C 43 -11.52 25.52 1.55
C GLY C 43 -10.83 24.75 0.44
N THR C 44 -9.82 25.38 -0.12
CA THR C 44 -9.13 24.92 -1.30
C THR C 44 -7.75 24.42 -0.95
N TRP C 45 -7.40 23.25 -1.49
CA TRP C 45 -6.13 22.60 -1.23
C TRP C 45 -5.48 22.26 -2.56
N TYR C 46 -4.15 22.31 -2.60
CA TYR C 46 -3.38 22.12 -3.82
C TYR C 46 -2.30 21.08 -3.61
N ASN C 47 -2.10 20.20 -4.57
CA ASN C 47 -0.87 19.40 -4.56
C ASN C 47 0.25 20.18 -5.27
N GLN C 48 1.40 19.55 -5.45
CA GLN C 48 2.57 20.24 -6.03
C GLN C 48 2.40 20.65 -7.49
N LEU C 49 1.51 19.98 -8.22
CA LEU C 49 1.17 20.36 -9.59
C LEU C 49 0.09 21.42 -9.66
N GLY C 50 -0.50 21.79 -8.53
CA GLY C 50 -1.60 22.73 -8.53
C GLY C 50 -2.94 22.08 -8.79
N SER C 51 -3.00 20.74 -8.77
CA SER C 51 -4.30 20.09 -8.80
C SER C 51 -5.04 20.54 -7.55
N THR C 52 -6.34 20.78 -7.70
CA THR C 52 -7.10 21.63 -6.79
C THR C 52 -8.33 20.94 -6.28
N PHE C 53 -8.43 20.71 -4.96
CA PHE C 53 -9.74 20.29 -4.42
C PHE C 53 -10.33 21.36 -3.53
N ILE C 54 -11.64 21.52 -3.64
CA ILE C 54 -12.37 22.50 -2.87
CA ILE C 54 -12.38 22.51 -2.86
C ILE C 54 -13.39 21.71 -2.08
N VAL C 55 -13.28 21.79 -0.76
CA VAL C 55 -14.02 20.91 0.13
C VAL C 55 -14.71 21.72 1.19
N THR C 56 -15.88 21.23 1.60
CA THR C 56 -16.54 21.68 2.81
C THR C 56 -16.47 20.54 3.84
N ALA C 57 -16.00 20.89 5.02
CA ALA C 57 -15.90 19.96 6.13
C ALA C 57 -16.96 20.36 7.13
N GLY C 58 -18.06 19.62 7.15
CA GLY C 58 -19.24 20.03 7.92
C GLY C 58 -19.15 19.65 9.37
N ALA C 59 -20.04 20.22 10.18
CA ALA C 59 -20.15 19.82 11.60
C ALA C 59 -20.64 18.38 11.75
N ASP C 60 -21.16 17.83 10.65
CA ASP C 60 -21.62 16.45 10.56
C ASP C 60 -20.52 15.41 10.27
N GLY C 61 -19.24 15.84 10.13
CA GLY C 61 -18.13 14.93 9.83
C GLY C 61 -17.96 14.61 8.35
N ALA C 62 -18.79 15.25 7.53
CA ALA C 62 -18.78 15.02 6.10
C ALA C 62 -17.73 15.86 5.41
N LEU C 63 -17.08 15.28 4.41
CA LEU C 63 -16.31 16.01 3.40
C LEU C 63 -17.09 15.95 2.10
N THR C 64 -17.33 17.10 1.50
CA THR C 64 -18.02 17.17 0.22
CA THR C 64 -18.07 17.21 0.24
C THR C 64 -17.36 18.24 -0.63
N GLY C 65 -17.17 17.95 -1.90
CA GLY C 65 -16.59 18.94 -2.79
C GLY C 65 -16.27 18.42 -4.16
N THR C 66 -15.23 19.03 -4.74
CA THR C 66 -14.81 18.73 -6.11
C THR C 66 -13.29 18.65 -6.16
N TYR C 67 -12.79 17.88 -7.11
CA TYR C 67 -11.37 17.80 -7.41
C TYR C 67 -11.17 18.07 -8.88
N GLU C 68 -10.21 18.93 -9.23
CA GLU C 68 -9.99 19.32 -10.61
CA GLU C 68 -10.01 19.37 -10.60
C GLU C 68 -8.54 19.67 -10.86
N SER C 69 -8.20 19.84 -12.12
CA SER C 69 -6.82 20.15 -12.49
C SER C 69 -6.49 21.60 -12.18
N ALA C 70 -5.20 21.93 -12.30
CA ALA C 70 -4.73 23.32 -12.15
C ALA C 70 -5.40 24.27 -13.13
N VAL C 71 -5.74 23.76 -14.33
CA VAL C 71 -6.45 24.56 -15.34
C VAL C 71 -7.90 24.79 -14.89
N GLY C 72 -8.54 23.74 -14.37
CA GLY C 72 -9.87 23.85 -13.79
C GLY C 72 -11.01 23.92 -14.80
N ASN C 73 -10.77 23.48 -16.03
CA ASN C 73 -11.86 23.34 -17.01
C ASN C 73 -12.83 22.26 -16.56
N ALA C 74 -14.08 22.37 -17.02
CA ALA C 74 -15.14 21.49 -16.58
C ALA C 74 -14.88 20.01 -16.82
N GLU C 75 -14.20 19.69 -17.92
CA GLU C 75 -13.93 18.31 -18.26
C GLU C 75 -12.96 17.65 -17.26
N SER C 76 -12.25 18.46 -16.46
CA SER C 76 -11.33 17.97 -15.42
C SER C 76 -11.93 17.87 -14.03
N ARG C 77 -13.20 18.22 -13.83
CA ARG C 77 -13.74 18.33 -12.50
CA ARG C 77 -13.79 18.35 -12.50
C ARG C 77 -14.56 17.10 -12.13
N TYR C 78 -14.33 16.58 -10.93
CA TYR C 78 -14.99 15.38 -10.44
C TYR C 78 -15.50 15.57 -9.02
N VAL C 79 -16.58 14.87 -8.69
CA VAL C 79 -17.13 14.90 -7.34
C VAL C 79 -16.23 14.17 -6.34
N LEU C 80 -16.06 14.78 -5.17
CA LEU C 80 -15.28 14.26 -4.04
C LEU C 80 -16.22 14.09 -2.84
N THR C 81 -16.18 12.92 -2.19
CA THR C 81 -16.96 12.70 -0.98
CA THR C 81 -16.95 12.73 -0.94
C THR C 81 -16.15 11.91 0.04
N GLY C 82 -16.22 12.27 1.31
CA GLY C 82 -15.50 11.54 2.35
C GLY C 82 -15.94 11.90 3.73
N ARG C 83 -15.08 11.57 4.70
CA ARG C 83 -15.37 11.73 6.11
C ARG C 83 -14.14 12.20 6.83
N TYR C 84 -14.31 12.88 7.95
CA TYR C 84 -13.19 13.25 8.79
C TYR C 84 -13.60 13.18 10.26
N ASP C 85 -12.60 13.12 11.13
N ASP C 85 -12.60 13.11 11.13
CA ASP C 85 -12.80 13.14 12.59
CA ASP C 85 -12.84 13.12 12.58
C ASP C 85 -13.14 14.57 13.02
C ASP C 85 -13.14 14.55 13.03
N SER C 86 -14.41 14.80 13.37
CA SER C 86 -14.86 16.14 13.75
C SER C 86 -14.53 16.48 15.21
N ALA C 87 -13.98 15.53 15.98
CA ALA C 87 -13.52 15.83 17.35
C ALA C 87 -12.14 15.23 17.57
N PRO C 88 -11.12 15.79 16.91
CA PRO C 88 -9.79 15.21 17.03
C PRO C 88 -9.19 15.34 18.43
N ALA C 89 -8.14 14.58 18.67
CA ALA C 89 -7.42 14.67 19.93
C ALA C 89 -6.84 16.06 20.10
N THR C 90 -6.64 16.44 21.36
CA THR C 90 -6.10 17.75 21.71
C THR C 90 -4.67 17.61 22.25
N ASP C 91 -3.90 16.67 21.69
CA ASP C 91 -2.59 16.33 22.24
C ASP C 91 -1.50 16.57 21.18
N GLY C 92 -1.78 17.39 20.17
CA GLY C 92 -0.84 17.67 19.09
C GLY C 92 -0.83 16.65 17.97
N SER C 93 -1.87 15.82 17.91
CA SER C 93 -2.06 14.86 16.83
C SER C 93 -2.83 15.48 15.68
N GLY C 94 -2.60 14.96 14.48
CA GLY C 94 -3.39 15.36 13.32
C GLY C 94 -4.82 14.86 13.35
N THR C 95 -5.60 15.32 12.39
CA THR C 95 -7.00 14.98 12.24
C THR C 95 -7.16 13.97 11.11
N ALA C 96 -7.61 12.78 11.44
CA ALA C 96 -7.77 11.73 10.45
C ALA C 96 -8.90 12.04 9.49
N LEU C 97 -8.70 11.68 8.21
CA LEU C 97 -9.73 11.90 7.19
CA LEU C 97 -9.71 11.91 7.18
C LEU C 97 -9.48 10.99 6.00
N GLY C 98 -10.49 10.91 5.15
CA GLY C 98 -10.34 10.22 3.89
C GLY C 98 -11.42 10.65 2.91
N TRP C 99 -11.16 10.45 1.63
CA TRP C 99 -12.17 10.73 0.63
C TRP C 99 -11.97 9.87 -0.60
N THR C 100 -13.01 9.86 -1.44
CA THR C 100 -13.04 9.10 -2.67
C THR C 100 -13.41 10.02 -3.83
N VAL C 101 -12.80 9.79 -4.99
CA VAL C 101 -13.26 10.30 -6.27
C VAL C 101 -13.40 9.10 -7.20
N ALA C 102 -14.60 8.92 -7.77
CA ALA C 102 -14.79 8.02 -8.92
C ALA C 102 -14.55 8.84 -10.18
N TRP C 103 -13.76 8.30 -11.10
CA TRP C 103 -13.28 9.08 -12.26
C TRP C 103 -14.27 9.09 -13.43
N LYS C 104 -15.51 9.42 -13.09
CA LYS C 104 -16.58 9.62 -14.05
CA LYS C 104 -16.59 9.63 -14.07
C LYS C 104 -17.14 11.01 -13.83
N ASN C 105 -17.27 11.77 -14.91
CA ASN C 105 -18.01 13.03 -14.92
C ASN C 105 -18.84 13.06 -16.20
N ASN C 106 -19.37 14.21 -16.59
CA ASN C 106 -20.22 14.29 -17.79
C ASN C 106 -19.46 14.12 -19.11
N TYR C 107 -18.12 14.16 -19.07
CA TYR C 107 -17.27 14.14 -20.25
C TYR C 107 -16.46 12.89 -20.46
N ARG C 108 -16.00 12.28 -19.36
CA ARG C 108 -15.10 11.15 -19.41
C ARG C 108 -15.48 10.15 -18.34
N ASN C 109 -15.07 8.92 -18.57
CA ASN C 109 -15.21 7.88 -17.58
C ASN C 109 -14.03 6.95 -17.74
N ALA C 110 -13.11 7.00 -16.77
CA ALA C 110 -11.94 6.13 -16.74
C ALA C 110 -12.21 4.77 -16.13
N HIS C 111 -13.43 4.55 -15.61
CA HIS C 111 -13.80 3.28 -14.98
C HIS C 111 -12.82 2.93 -13.87
N SER C 112 -12.71 3.86 -12.92
CA SER C 112 -11.73 3.74 -11.85
C SER C 112 -12.12 4.68 -10.72
N ALA C 113 -11.51 4.46 -9.56
CA ALA C 113 -11.77 5.32 -8.40
C ALA C 113 -10.53 5.38 -7.53
N THR C 114 -10.28 6.54 -6.94
CA THR C 114 -9.17 6.72 -6.02
C THR C 114 -9.70 7.06 -4.65
N THR C 115 -9.10 6.47 -3.63
CA THR C 115 -9.30 6.88 -2.26
C THR C 115 -8.02 7.45 -1.69
N TRP C 116 -8.14 8.50 -0.91
CA TRP C 116 -7.04 9.11 -0.17
C TRP C 116 -7.34 8.93 1.31
N SER C 117 -6.35 8.44 2.04
CA SER C 117 -6.44 8.25 3.49
C SER C 117 -5.32 9.02 4.12
N GLY C 118 -5.60 9.87 5.11
CA GLY C 118 -4.52 10.68 5.62
C GLY C 118 -4.89 11.47 6.85
N GLN C 119 -4.12 12.53 7.09
CA GLN C 119 -4.41 13.40 8.19
C GLN C 119 -4.12 14.84 7.83
N TYR C 120 -4.96 15.70 8.39
CA TYR C 120 -4.79 17.15 8.36
C TYR C 120 -3.93 17.56 9.55
N VAL C 121 -2.93 18.39 9.27
CA VAL C 121 -1.98 18.88 10.27
C VAL C 121 -2.07 20.40 10.22
N GLY C 122 -2.60 21.00 11.27
CA GLY C 122 -2.76 22.43 11.33
C GLY C 122 -1.48 23.14 11.74
N GLY C 123 -1.61 24.44 11.98
CA GLY C 123 -0.48 25.27 12.42
C GLY C 123 -0.01 26.22 11.35
N ALA C 124 1.24 26.65 11.48
CA ALA C 124 1.81 27.71 10.64
C ALA C 124 1.81 27.40 9.14
N GLU C 125 2.06 26.14 8.81
CA GLU C 125 1.99 25.67 7.43
C GLU C 125 1.13 24.42 7.36
N ALA C 126 -0.18 24.65 7.28
CA ALA C 126 -1.13 23.54 7.31
C ALA C 126 -0.98 22.63 6.10
N ARG C 127 -1.21 21.35 6.32
CA ARG C 127 -1.01 20.34 5.30
C ARG C 127 -2.02 19.23 5.46
N ILE C 128 -2.33 18.58 4.34
CA ILE C 128 -3.01 17.29 4.39
C ILE C 128 -2.06 16.28 3.75
N ASN C 129 -1.63 15.31 4.55
CA ASN C 129 -0.72 14.25 4.08
C ASN C 129 -1.49 12.99 3.85
N THR C 130 -1.36 12.40 2.66
CA THR C 130 -2.17 11.25 2.28
C THR C 130 -1.36 10.15 1.64
N GLN C 131 -1.95 8.95 1.74
CA GLN C 131 -1.61 7.85 0.84
C GLN C 131 -2.89 7.52 0.09
N TRP C 132 -2.74 7.04 -1.14
CA TRP C 132 -3.89 6.81 -1.99
C TRP C 132 -3.83 5.44 -2.66
N LEU C 133 -5.02 4.96 -3.01
CA LEU C 133 -5.24 3.70 -3.72
C LEU C 133 -6.15 3.99 -4.91
N LEU C 134 -5.67 3.70 -6.11
CA LEU C 134 -6.42 3.90 -7.34
C LEU C 134 -6.77 2.51 -7.88
N THR C 135 -8.06 2.16 -7.85
CA THR C 135 -8.53 0.88 -8.38
C THR C 135 -9.26 1.08 -9.70
N SER C 136 -8.81 0.34 -10.71
CA SER C 136 -9.52 0.26 -11.98
C SER C 136 -10.49 -0.89 -11.98
N GLY C 137 -11.66 -0.70 -12.60
CA GLY C 137 -12.53 -1.83 -12.91
C GLY C 137 -11.84 -2.70 -13.94
N THR C 138 -11.69 -4.00 -13.67
CA THR C 138 -11.00 -4.92 -14.55
C THR C 138 -11.80 -6.19 -14.71
N THR C 139 -11.41 -6.99 -15.70
CA THR C 139 -11.84 -8.37 -15.78
C THR C 139 -11.15 -9.13 -14.65
N GLU C 140 -11.65 -10.32 -14.36
CA GLU C 140 -11.04 -11.15 -13.34
C GLU C 140 -9.57 -11.48 -13.68
N ALA C 141 -9.28 -11.73 -14.95
CA ALA C 141 -7.91 -12.07 -15.37
C ALA C 141 -6.92 -10.94 -15.11
N ASN C 142 -7.40 -9.71 -15.13
CA ASN C 142 -6.55 -8.54 -14.91
C ASN C 142 -6.66 -7.93 -13.52
N ALA C 143 -7.42 -8.57 -12.62
CA ALA C 143 -7.66 -7.98 -11.31
C ALA C 143 -6.39 -7.85 -10.48
N TRP C 144 -5.42 -8.73 -10.71
CA TRP C 144 -4.16 -8.66 -9.98
C TRP C 144 -3.43 -7.33 -10.17
N LYS C 145 -3.65 -6.67 -11.30
CA LYS C 145 -3.00 -5.40 -11.60
C LYS C 145 -4.00 -4.24 -11.58
N SER C 146 -5.05 -4.36 -10.78
CA SER C 146 -6.11 -3.36 -10.71
C SER C 146 -5.78 -2.13 -9.89
N THR C 147 -4.83 -2.24 -8.95
CA THR C 147 -4.72 -1.22 -7.89
C THR C 147 -3.33 -0.63 -7.79
N LEU C 148 -3.24 0.67 -8.04
CA LEU C 148 -2.03 1.45 -7.86
C LEU C 148 -2.04 2.09 -6.48
N VAL C 149 -0.85 2.27 -5.92
CA VAL C 149 -0.68 2.93 -4.62
C VAL C 149 0.30 4.08 -4.75
N GLY C 150 0.04 5.14 -4.00
CA GLY C 150 0.95 6.27 -3.99
C GLY C 150 0.70 7.17 -2.80
N HIS C 151 1.25 8.37 -2.87
CA HIS C 151 1.10 9.34 -1.80
C HIS C 151 1.02 10.73 -2.39
N ASP C 152 0.43 11.64 -1.63
CA ASP C 152 0.42 13.04 -2.06
C ASP C 152 0.21 13.92 -0.85
N THR C 153 0.70 15.15 -0.94
N THR C 153 0.70 15.15 -0.96
CA THR C 153 0.55 16.12 0.13
CA THR C 153 0.59 16.15 0.10
C THR C 153 -0.06 17.39 -0.46
C THR C 153 -0.10 17.36 -0.50
N PHE C 154 -0.98 17.96 0.29
CA PHE C 154 -1.73 19.13 -0.12
C PHE C 154 -1.47 20.27 0.84
N THR C 155 -1.42 21.49 0.29
CA THR C 155 -1.26 22.69 1.09
C THR C 155 -2.29 23.73 0.65
N LYS C 156 -2.40 24.80 1.42
CA LYS C 156 -3.36 25.85 1.11
C LYS C 156 -2.86 26.87 0.08
N VAL C 157 -1.60 26.80 -0.30
CA VAL C 157 -0.97 27.80 -1.14
C VAL C 157 -0.78 27.23 -2.54
N LYS C 158 -1.38 27.82 -3.59
CA LYS C 158 -1.22 27.29 -4.95
CA LYS C 158 -1.20 27.26 -4.94
C LYS C 158 0.23 27.50 -5.41
N PRO C 159 0.90 26.43 -5.90
CA PRO C 159 2.27 26.61 -6.39
C PRO C 159 2.33 27.19 -7.80
N GLY D 40 25.67 2.96 -10.41
CA GLY D 40 24.94 4.08 -9.74
C GLY D 40 24.37 3.75 -8.37
N ILE D 41 23.82 2.55 -8.22
CA ILE D 41 23.19 2.15 -6.96
C ILE D 41 24.20 1.91 -5.85
N THR D 42 25.31 1.26 -6.16
CA THR D 42 26.32 0.99 -5.16
C THR D 42 26.77 2.30 -4.49
N GLY D 43 26.76 2.31 -3.16
CA GLY D 43 27.21 3.45 -2.41
C GLY D 43 26.49 3.61 -1.09
N THR D 44 26.63 4.79 -0.51
CA THR D 44 26.04 5.11 0.77
C THR D 44 24.94 6.13 0.52
N TRP D 45 23.75 5.78 0.97
CA TRP D 45 22.55 6.56 0.77
C TRP D 45 21.99 6.96 2.12
N TYR D 46 21.23 8.05 2.11
CA TYR D 46 20.67 8.62 3.32
CA TYR D 46 20.67 8.62 3.32
C TYR D 46 19.22 8.99 3.10
N ASN D 47 18.38 8.77 4.11
CA ASN D 47 17.09 9.45 4.10
C ASN D 47 17.24 10.80 4.83
N GLN D 48 16.17 11.56 4.96
CA GLN D 48 16.32 12.91 5.51
C GLN D 48 16.56 12.97 7.03
N LEU D 49 16.41 11.84 7.70
CA LEU D 49 16.83 11.70 9.10
C LEU D 49 18.30 11.29 9.25
N GLY D 50 18.99 11.06 8.13
CA GLY D 50 20.36 10.61 8.17
C GLY D 50 20.51 9.12 8.40
N SER D 51 19.42 8.37 8.28
CA SER D 51 19.52 6.93 8.33
C SER D 51 20.37 6.51 7.14
N THR D 52 21.29 5.57 7.36
CA THR D 52 22.42 5.34 6.48
C THR D 52 22.35 3.93 5.90
N PHE D 53 22.16 3.90 4.57
CA PHE D 53 21.92 2.72 3.77
CA PHE D 53 21.90 2.71 3.77
C PHE D 53 23.18 2.47 2.94
N ILE D 54 23.96 1.45 3.32
CA ILE D 54 25.23 1.16 2.66
C ILE D 54 25.01 -0.11 1.83
N VAL D 55 25.01 0.05 0.50
CA VAL D 55 24.54 -1.00 -0.40
C VAL D 55 25.56 -1.26 -1.50
N THR D 56 25.62 -2.53 -1.92
CA THR D 56 26.36 -2.96 -3.08
CA THR D 56 26.36 -2.92 -3.13
C THR D 56 25.37 -3.57 -4.08
N ALA D 57 25.47 -3.17 -5.34
CA ALA D 57 24.65 -3.70 -6.42
C ALA D 57 25.58 -4.58 -7.25
N GLY D 58 25.33 -5.89 -7.18
CA GLY D 58 26.21 -6.89 -7.74
C GLY D 58 25.91 -7.14 -9.20
N ALA D 59 26.87 -7.74 -9.89
CA ALA D 59 26.73 -8.02 -11.33
C ALA D 59 25.52 -8.90 -11.66
N ASP D 60 25.10 -9.73 -10.69
CA ASP D 60 24.04 -10.71 -10.80
C ASP D 60 22.64 -10.19 -10.45
N GLY D 61 22.46 -8.88 -10.22
CA GLY D 61 21.17 -8.34 -9.75
C GLY D 61 20.98 -8.31 -8.24
N ALA D 62 22.01 -8.66 -7.47
CA ALA D 62 21.90 -8.67 -6.03
C ALA D 62 22.08 -7.28 -5.43
N LEU D 63 21.29 -6.99 -4.40
CA LEU D 63 21.54 -5.90 -3.47
C LEU D 63 21.90 -6.51 -2.13
N THR D 64 23.00 -6.04 -1.55
CA THR D 64 23.40 -6.47 -0.21
CA THR D 64 23.48 -6.50 -0.26
C THR D 64 23.95 -5.28 0.53
N GLY D 65 23.81 -5.32 1.84
CA GLY D 65 24.42 -4.28 2.63
C GLY D 65 23.81 -4.16 4.00
N THR D 66 23.84 -2.94 4.53
CA THR D 66 23.37 -2.68 5.88
C THR D 66 22.59 -1.39 5.93
N TYR D 67 21.74 -1.27 6.95
CA TYR D 67 20.98 -0.07 7.19
C TYR D 67 21.07 0.25 8.67
N GLU D 68 21.38 1.51 9.00
CA GLU D 68 21.62 1.92 10.39
C GLU D 68 21.16 3.34 10.66
N SER D 69 21.00 3.66 11.94
CA SER D 69 20.63 5.01 12.34
C SER D 69 21.81 5.97 12.20
N ALA D 70 21.48 7.25 12.21
CA ALA D 70 22.49 8.31 12.22
C ALA D 70 23.39 8.32 13.47
N VAL D 71 22.95 7.70 14.56
CA VAL D 71 23.78 7.64 15.78
C VAL D 71 25.06 6.84 15.51
N GLY D 72 24.97 5.81 14.66
CA GLY D 72 26.10 5.01 14.20
C GLY D 72 26.46 3.82 15.08
N ASN D 73 25.61 3.50 16.05
CA ASN D 73 25.88 2.43 17.02
C ASN D 73 25.53 1.06 16.44
N ALA D 74 26.26 0.03 16.86
CA ALA D 74 26.08 -1.34 16.37
C ALA D 74 24.68 -1.88 16.62
N GLU D 75 24.07 -1.48 17.72
CA GLU D 75 22.75 -1.97 18.08
C GLU D 75 21.68 -1.51 17.10
N SER D 76 21.96 -0.44 16.34
CA SER D 76 21.02 0.07 15.33
C SER D 76 21.31 -0.38 13.89
N ARG D 77 22.24 -1.31 13.69
CA ARG D 77 22.64 -1.70 12.34
C ARG D 77 22.03 -3.06 11.98
N TYR D 78 21.42 -3.15 10.79
CA TYR D 78 20.71 -4.36 10.35
C TYR D 78 21.12 -4.74 8.94
N VAL D 79 21.05 -6.03 8.65
CA VAL D 79 21.36 -6.57 7.34
C VAL D 79 20.21 -6.33 6.36
N LEU D 80 20.54 -5.99 5.12
CA LEU D 80 19.54 -5.96 4.07
C LEU D 80 19.96 -6.80 2.91
N THR D 81 18.96 -7.31 2.21
CA THR D 81 19.19 -7.98 0.93
CA THR D 81 19.19 -8.02 0.99
C THR D 81 18.04 -7.73 0.02
N GLY D 82 18.35 -7.69 -1.27
CA GLY D 82 17.33 -7.44 -2.26
C GLY D 82 17.80 -7.71 -3.67
N ARG D 83 17.06 -7.18 -4.62
CA ARG D 83 17.32 -7.39 -6.03
C ARG D 83 17.08 -6.10 -6.80
N TYR D 84 17.78 -5.94 -7.91
CA TYR D 84 17.52 -4.81 -8.80
C TYR D 84 17.63 -5.29 -10.24
N ASP D 85 17.05 -4.50 -11.15
N ASP D 85 17.06 -4.51 -11.15
CA ASP D 85 17.17 -4.75 -12.58
CA ASP D 85 17.15 -4.78 -12.59
C ASP D 85 18.58 -4.38 -13.04
C ASP D 85 18.55 -4.39 -13.07
N SER D 86 19.38 -5.39 -13.36
CA SER D 86 20.76 -5.17 -13.77
C SER D 86 20.93 -4.82 -15.24
N ALA D 87 19.83 -4.76 -16.01
CA ALA D 87 19.89 -4.33 -17.42
C ALA D 87 18.69 -3.44 -17.72
N PRO D 88 18.64 -2.25 -17.07
CA PRO D 88 17.47 -1.39 -17.19
C PRO D 88 17.33 -0.77 -18.57
N ALA D 89 16.17 -0.17 -18.80
CA ALA D 89 15.99 0.64 -19.97
C ALA D 89 16.99 1.81 -19.95
N THR D 90 17.28 2.35 -21.13
CA THR D 90 18.24 3.44 -21.27
C THR D 90 17.59 4.65 -21.93
N ASP D 91 16.27 4.78 -21.75
CA ASP D 91 15.47 5.85 -22.36
C ASP D 91 15.05 6.94 -21.36
N GLY D 92 15.66 6.96 -20.18
CA GLY D 92 15.29 7.89 -19.11
C GLY D 92 14.44 7.25 -18.02
N SER D 93 14.04 5.99 -18.21
CA SER D 93 13.29 5.29 -17.18
C SER D 93 14.19 4.94 -16.01
N GLY D 94 13.59 4.86 -14.82
CA GLY D 94 14.31 4.43 -13.62
C GLY D 94 14.62 2.95 -13.64
N THR D 95 15.40 2.53 -12.64
CA THR D 95 15.82 1.14 -12.47
C THR D 95 15.02 0.56 -11.30
N ALA D 96 14.20 -0.45 -11.58
CA ALA D 96 13.38 -1.07 -10.55
C ALA D 96 14.24 -1.86 -9.57
N LEU D 97 13.83 -1.84 -8.29
N LEU D 97 13.88 -1.79 -8.29
CA LEU D 97 14.58 -2.52 -7.24
CA LEU D 97 14.58 -2.53 -7.25
C LEU D 97 13.71 -2.70 -6.01
C LEU D 97 13.65 -2.79 -6.07
N GLY D 98 14.15 -3.61 -5.15
CA GLY D 98 13.50 -3.80 -3.86
C GLY D 98 14.45 -4.43 -2.89
N TRP D 99 14.18 -4.26 -1.61
CA TRP D 99 14.98 -4.94 -0.59
C TRP D 99 14.18 -5.14 0.68
N THR D 100 14.72 -6.00 1.54
CA THR D 100 14.11 -6.36 2.81
C THR D 100 15.11 -6.18 3.94
N VAL D 101 14.60 -5.70 5.09
CA VAL D 101 15.30 -5.78 6.37
C VAL D 101 14.38 -6.49 7.36
N ALA D 102 14.84 -7.59 7.95
CA ALA D 102 14.18 -8.13 9.14
C ALA D 102 14.80 -7.47 10.35
N TRP D 103 13.95 -7.02 11.27
CA TRP D 103 14.39 -6.18 12.39
C TRP D 103 14.94 -6.98 13.58
N LYS D 104 15.85 -7.88 13.24
CA LYS D 104 16.64 -8.65 14.20
CA LYS D 104 16.64 -8.65 14.20
C LYS D 104 18.10 -8.44 13.86
N ASN D 105 18.89 -8.13 14.88
CA ASN D 105 20.34 -8.14 14.76
C ASN D 105 20.90 -8.86 15.99
N ASN D 106 22.20 -8.75 16.26
CA ASN D 106 22.78 -9.47 17.40
C ASN D 106 22.28 -8.93 18.76
N TYR D 107 21.64 -7.76 18.76
CA TYR D 107 21.31 -7.02 19.98
C TYR D 107 19.82 -6.89 20.27
N ARG D 108 19.00 -6.84 19.21
CA ARG D 108 17.59 -6.48 19.32
C ARG D 108 16.76 -7.30 18.35
N ASN D 109 15.49 -7.49 18.67
CA ASN D 109 14.56 -8.13 17.75
C ASN D 109 13.17 -7.56 17.95
N ALA D 110 12.66 -6.89 16.92
CA ALA D 110 11.31 -6.33 16.94
C ALA D 110 10.26 -7.30 16.41
N HIS D 111 10.67 -8.45 15.90
CA HIS D 111 9.74 -9.44 15.35
C HIS D 111 8.90 -8.83 14.22
N SER D 112 9.60 -8.30 13.24
CA SER D 112 8.98 -7.58 12.15
C SER D 112 9.99 -7.48 11.02
N ALA D 113 9.49 -7.11 9.84
CA ALA D 113 10.33 -6.95 8.66
C ALA D 113 9.72 -5.92 7.75
N THR D 114 10.58 -5.13 7.10
CA THR D 114 10.15 -4.12 6.13
C THR D 114 10.68 -4.47 4.75
N THR D 115 9.82 -4.30 3.75
CA THR D 115 10.26 -4.34 2.37
C THR D 115 10.09 -2.97 1.75
N TRP D 116 11.05 -2.57 0.94
CA TRP D 116 10.99 -1.35 0.14
C TRP D 116 10.96 -1.73 -1.32
N SER D 117 10.00 -1.16 -2.05
CA SER D 117 9.84 -1.36 -3.48
C SER D 117 9.96 -0.01 -4.16
N GLY D 118 10.78 0.11 -5.18
CA GLY D 118 10.93 1.42 -5.79
C GLY D 118 11.82 1.44 -6.99
N GLN D 119 12.35 2.63 -7.28
CA GLN D 119 13.24 2.77 -8.41
C GLN D 119 14.34 3.75 -8.11
N TYR D 120 15.50 3.45 -8.70
CA TYR D 120 16.65 4.32 -8.75
C TYR D 120 16.53 5.23 -9.96
N VAL D 121 16.74 6.53 -9.72
CA VAL D 121 16.63 7.58 -10.74
C VAL D 121 18.02 8.22 -10.80
N GLY D 122 18.74 7.99 -11.90
CA GLY D 122 20.10 8.51 -12.06
C GLY D 122 20.08 9.99 -12.40
N GLY D 123 21.28 10.56 -12.57
CA GLY D 123 21.45 11.96 -12.96
C GLY D 123 22.31 12.74 -11.97
N ALA D 124 22.25 14.06 -12.07
CA ALA D 124 23.08 14.97 -11.27
C ALA D 124 22.87 14.80 -9.76
N GLU D 125 21.60 14.66 -9.35
CA GLU D 125 21.25 14.29 -7.98
C GLU D 125 20.49 12.95 -8.04
N ALA D 126 21.23 11.86 -7.96
CA ALA D 126 20.62 10.52 -8.00
C ALA D 126 19.71 10.33 -6.78
N ARG D 127 18.66 9.52 -6.96
CA ARG D 127 17.66 9.34 -5.92
C ARG D 127 17.11 7.93 -6.02
N ILE D 128 16.75 7.38 -4.86
CA ILE D 128 15.96 6.16 -4.82
C ILE D 128 14.63 6.50 -4.15
N ASN D 129 13.55 6.33 -4.90
CA ASN D 129 12.19 6.58 -4.39
C ASN D 129 11.52 5.26 -4.11
N THR D 130 10.95 5.12 -2.91
CA THR D 130 10.38 3.86 -2.48
C THR D 130 9.04 4.01 -1.79
N GLN D 131 8.28 2.92 -1.86
N GLN D 131 8.29 2.92 -1.81
CA GLN D 131 7.13 2.63 -0.99
CA GLN D 131 7.20 2.70 -0.88
C GLN D 131 7.59 1.47 -0.12
C GLN D 131 7.49 1.42 -0.15
N TRP D 132 7.10 1.38 1.11
CA TRP D 132 7.47 0.29 2.00
C TRP D 132 6.27 -0.32 2.71
N LEU D 133 6.43 -1.60 3.04
CA LEU D 133 5.49 -2.37 3.85
C LEU D 133 6.23 -2.95 5.03
N LEU D 134 5.74 -2.67 6.22
CA LEU D 134 6.33 -3.15 7.47
C LEU D 134 5.34 -4.14 8.09
N THR D 135 5.69 -5.42 8.11
CA THR D 135 4.83 -6.44 8.69
C THR D 135 5.41 -6.93 9.99
N SER D 136 4.59 -6.92 11.03
CA SER D 136 4.89 -7.52 12.33
CA SER D 136 4.94 -7.52 12.31
C SER D 136 4.35 -8.93 12.41
N GLY D 137 5.09 -9.82 13.06
CA GLY D 137 4.50 -11.11 13.43
C GLY D 137 3.34 -10.87 14.39
N THR D 138 2.21 -11.53 14.11
CA THR D 138 1.01 -11.36 14.94
C THR D 138 0.31 -12.69 15.10
N THR D 139 -0.62 -12.73 16.05
CA THR D 139 -1.59 -13.81 16.11
C THR D 139 -2.54 -13.68 14.92
N GLU D 140 -3.31 -14.72 14.63
CA GLU D 140 -4.31 -14.65 13.56
C GLU D 140 -5.34 -13.54 13.83
N ALA D 141 -5.73 -13.38 15.09
CA ALA D 141 -6.72 -12.38 15.49
C ALA D 141 -6.27 -10.96 15.21
N ASN D 142 -4.95 -10.73 15.28
CA ASN D 142 -4.40 -9.40 15.02
C ASN D 142 -3.78 -9.24 13.63
N ALA D 143 -3.91 -10.26 12.77
CA ALA D 143 -3.23 -10.22 11.46
C ALA D 143 -3.76 -9.10 10.58
N TRP D 144 -5.03 -8.71 10.76
CA TRP D 144 -5.58 -7.63 9.97
C TRP D 144 -4.82 -6.31 10.16
N LYS D 145 -4.17 -6.13 11.32
CA LYS D 145 -3.43 -4.90 11.62
C LYS D 145 -1.92 -5.15 11.71
N SER D 146 -1.45 -6.14 10.95
CA SER D 146 -0.04 -6.52 10.96
C SER D 146 0.86 -5.64 10.11
N THR D 147 0.30 -4.88 9.17
CA THR D 147 1.13 -4.26 8.13
C THR D 147 0.91 -2.76 8.01
N LEU D 148 2.00 -2.01 8.19
CA LEU D 148 2.03 -0.57 7.97
C LEU D 148 2.58 -0.28 6.58
N VAL D 149 2.16 0.85 6.01
CA VAL D 149 2.63 1.29 4.71
C VAL D 149 3.14 2.71 4.80
N GLY D 150 4.17 3.00 4.01
CA GLY D 150 4.67 4.35 3.90
C GLY D 150 5.57 4.52 2.71
N HIS D 151 6.35 5.59 2.73
CA HIS D 151 7.23 5.91 1.63
C HIS D 151 8.48 6.58 2.15
N ASP D 152 9.54 6.52 1.35
CA ASP D 152 10.77 7.21 1.71
C ASP D 152 11.57 7.45 0.46
N THR D 153 12.45 8.44 0.54
N THR D 153 12.44 8.45 0.54
CA THR D 153 13.34 8.78 -0.56
CA THR D 153 13.34 8.84 -0.53
C THR D 153 14.75 8.94 -0.03
C THR D 153 14.76 8.89 0.01
N PHE D 154 15.71 8.44 -0.80
CA PHE D 154 17.11 8.40 -0.43
C PHE D 154 17.93 9.17 -1.45
N THR D 155 18.98 9.85 -0.99
CA THR D 155 20.01 10.41 -1.87
C THR D 155 21.39 10.09 -1.30
N LYS D 156 22.44 10.34 -2.07
CA LYS D 156 23.82 10.11 -1.62
C LYS D 156 24.39 11.29 -0.83
N VAL D 157 23.57 12.31 -0.57
CA VAL D 157 24.05 13.52 0.09
C VAL D 157 23.70 13.42 1.57
N LYS D 158 24.73 13.38 2.42
CA LYS D 158 24.54 13.26 3.86
C LYS D 158 23.85 14.52 4.35
N PRO D 159 22.68 14.39 5.00
CA PRO D 159 21.95 15.56 5.47
C PRO D 159 22.51 16.11 6.80
N ARG E 1 6.04 3.11 22.35
CA ARG E 1 6.61 1.87 21.72
C ARG E 1 6.37 1.85 20.20
N ASP E 2 7.33 1.29 19.48
CA ASP E 2 7.29 1.20 18.02
C ASP E 2 7.40 -0.26 17.54
N PRO E 3 6.79 -0.58 16.38
CA PRO E 3 6.85 -1.95 15.85
C PRO E 3 8.16 -2.29 15.13
N ALA E 4 8.97 -1.27 14.86
CA ALA E 4 10.29 -1.40 14.25
C ALA E 4 10.98 -0.05 14.50
N PRO E 5 12.27 0.06 14.19
CA PRO E 5 12.96 1.35 14.44
C PRO E 5 12.39 2.49 13.60
N ALA E 6 11.99 3.59 14.25
CA ALA E 6 11.34 4.69 13.56
C ALA E 6 12.25 5.33 12.52
N TRP E 7 13.53 5.49 12.87
CA TRP E 7 14.51 6.13 11.98
C TRP E 7 14.56 5.46 10.60
N ALA E 8 14.31 4.15 10.57
CA ALA E 8 14.39 3.40 9.34
C ALA E 8 13.27 3.69 8.36
N HIS E 9 12.18 4.26 8.85
CA HIS E 9 10.96 4.44 8.09
C HIS E 9 10.68 5.88 7.79
N GLY E 10 11.68 6.73 8.05
CA GLY E 10 11.58 8.15 7.80
C GLY E 10 10.90 8.91 8.92
N GLY E 11 10.82 8.31 10.12
CA GLY E 11 10.12 8.95 11.23
C GLY E 11 10.83 8.90 12.56
N GLY E 12 10.11 9.32 13.61
CA GLY E 12 10.60 9.28 14.97
C GLY E 12 11.46 10.50 15.30
N ASP F 2 -3.86 6.31 -19.60
CA ASP F 2 -3.74 6.38 -18.12
C ASP F 2 -4.99 5.80 -17.44
N PRO F 3 -4.81 5.17 -16.28
CA PRO F 3 -5.96 4.54 -15.60
C PRO F 3 -6.90 5.54 -14.94
N ALA F 4 -6.42 6.76 -14.72
CA ALA F 4 -7.18 7.88 -14.19
C ALA F 4 -6.34 9.11 -14.53
N PRO F 5 -6.88 10.31 -14.32
CA PRO F 5 -6.10 11.49 -14.68
C PRO F 5 -4.80 11.61 -13.90
N ALA F 6 -3.68 11.73 -14.62
CA ALA F 6 -2.37 11.73 -13.97
C ALA F 6 -2.21 12.90 -12.99
N TRP F 7 -2.72 14.06 -13.37
CA TRP F 7 -2.60 15.27 -12.55
C TRP F 7 -3.17 15.06 -11.15
N ALA F 8 -4.19 14.21 -11.06
CA ALA F 8 -4.87 14.01 -9.79
C ALA F 8 -4.03 13.25 -8.79
N HIS F 9 -3.02 12.54 -9.28
CA HIS F 9 -2.19 11.64 -8.50
C HIS F 9 -0.77 12.14 -8.35
N GLY F 10 -0.58 13.44 -8.65
CA GLY F 10 0.72 14.06 -8.52
C GLY F 10 1.68 13.78 -9.66
N GLY F 11 1.17 13.28 -10.79
CA GLY F 11 2.04 12.94 -11.91
C GLY F 11 1.66 13.52 -13.26
N GLY F 12 2.36 13.04 -14.29
CA GLY F 12 2.16 13.45 -15.67
C GLY F 12 3.21 14.45 -16.14
N ASP G 2 1.56 -6.86 -19.72
CA ASP G 2 1.63 -6.93 -18.23
C ASP G 2 2.95 -6.33 -17.73
N PRO G 3 2.92 -5.70 -16.55
CA PRO G 3 4.15 -5.09 -16.01
C PRO G 3 5.15 -6.08 -15.41
N ALA G 4 4.69 -7.31 -15.17
CA ALA G 4 5.47 -8.43 -14.66
C ALA G 4 4.62 -9.66 -14.92
N PRO G 5 5.16 -10.87 -14.67
CA PRO G 5 4.36 -12.07 -14.95
C PRO G 5 3.11 -12.16 -14.08
N ALA G 6 1.95 -12.30 -14.70
CA ALA G 6 0.69 -12.35 -13.96
C ALA G 6 0.64 -13.51 -12.97
N TRP G 7 1.18 -14.67 -13.37
CA TRP G 7 1.16 -15.88 -12.53
C TRP G 7 1.79 -15.65 -11.17
N ALA G 8 2.75 -14.72 -11.10
CA ALA G 8 3.47 -14.47 -9.87
C ALA G 8 2.72 -13.63 -8.88
N HIS G 9 1.53 -13.10 -9.23
N HIS G 9 1.59 -13.05 -9.28
CA HIS G 9 0.84 -12.06 -8.44
CA HIS G 9 0.80 -12.14 -8.46
C HIS G 9 -0.66 -12.35 -8.10
C HIS G 9 -0.64 -12.64 -8.35
N GLY G 10 -0.96 -13.33 -7.26
CA GLY G 10 -2.31 -13.91 -7.09
C GLY G 10 -3.54 -13.01 -6.94
N GLY G 11 -3.46 -12.04 -6.03
CA GLY G 11 -4.57 -11.14 -5.74
C GLY G 11 -4.21 -9.69 -5.94
N GLY G 12 -5.13 -8.91 -6.52
CA GLY G 12 -4.92 -7.47 -6.72
C GLY G 12 -5.40 -6.57 -5.60
#